data_2QTO
#
_entry.id   2QTO
#
_cell.length_a   128.780
_cell.length_b   68.930
_cell.length_c   112.040
_cell.angle_alpha   90.00
_cell.angle_beta   124.63
_cell.angle_gamma   90.00
#
_symmetry.space_group_name_H-M   'C 1 2 1'
#
loop_
_entity.id
_entity.type
_entity.pdbx_description
1 polymer 'Voltage-gated potassium channel'
2 non-polymer 'POTASSIUM ION'
3 water water
#
_entity_poly.entity_id   1
_entity_poly.type   'polypeptide(L)'
_entity_poly.pdbx_seq_one_letter_code
;ALHWRAAGAATVLLVIVLLAGSYLAVLAERGAPGAQLITYPRALWWSVETATTVGYGDLYPVTLWGRCVAVVVMVAGITS
FGLVTAALATWFVGREQ
;
_entity_poly.pdbx_strand_id   A,B,C,D
#
# COMPACT_ATOMS: atom_id res chain seq x y z
N ALA A 1 -26.61 12.32 -2.61
CA ALA A 1 -26.47 11.97 -1.16
C ALA A 1 -25.26 12.66 -0.54
N LEU A 2 -24.68 12.05 0.49
CA LEU A 2 -23.43 12.54 1.08
C LEU A 2 -22.28 11.62 0.69
N HIS A 3 -22.41 10.34 1.07
CA HIS A 3 -21.36 9.34 0.84
C HIS A 3 -20.87 9.32 -0.61
N TRP A 4 -21.81 9.39 -1.54
CA TRP A 4 -21.55 9.31 -2.97
C TRP A 4 -20.92 10.61 -3.48
N ARG A 5 -21.23 11.72 -2.81
CA ARG A 5 -20.81 13.06 -3.23
C ARG A 5 -19.57 13.58 -2.51
N ALA A 6 -19.39 13.17 -1.26
CA ALA A 6 -18.21 13.53 -0.47
C ALA A 6 -16.95 12.91 -1.06
N ALA A 7 -17.11 11.67 -1.56
CA ALA A 7 -16.02 10.94 -2.19
C ALA A 7 -15.59 11.62 -3.49
N GLY A 8 -16.55 11.86 -4.38
CA GLY A 8 -16.29 12.55 -5.64
C GLY A 8 -15.58 13.88 -5.45
N ALA A 9 -15.86 14.55 -4.33
CA ALA A 9 -15.25 15.83 -3.99
C ALA A 9 -13.84 15.65 -3.42
N ALA A 10 -13.62 14.53 -2.74
CA ALA A 10 -12.31 14.22 -2.19
C ALA A 10 -11.28 13.95 -3.29
N THR A 11 -11.73 13.39 -4.41
CA THR A 11 -10.85 13.11 -5.56
C THR A 11 -10.49 14.40 -6.29
N VAL A 12 -11.39 15.38 -6.25
CA VAL A 12 -11.09 16.72 -6.74
C VAL A 12 -10.07 17.38 -5.81
N LEU A 13 -10.13 17.03 -4.52
CA LEU A 13 -9.18 17.56 -3.55
C LEU A 13 -7.80 16.89 -3.68
N LEU A 14 -7.78 15.60 -4.05
CA LEU A 14 -6.52 14.87 -4.21
C LEU A 14 -5.67 15.43 -5.35
N VAL A 15 -6.32 15.76 -6.46
CA VAL A 15 -5.64 16.39 -7.60
C VAL A 15 -4.99 17.71 -7.18
N ILE A 16 -5.70 18.49 -6.38
CA ILE A 16 -5.17 19.74 -5.81
C ILE A 16 -3.86 19.49 -5.05
N VAL A 17 -3.90 18.52 -4.12
CA VAL A 17 -2.73 18.18 -3.29
C VAL A 17 -1.53 17.69 -4.11
N LEU A 18 -1.81 16.91 -5.15
CA LEU A 18 -0.75 16.44 -6.05
C LEU A 18 -0.02 17.59 -6.72
N LEU A 19 -0.76 18.43 -7.46
CA LEU A 19 -0.18 19.57 -8.17
C LEU A 19 0.55 20.53 -7.23
N ALA A 20 -0.07 20.81 -6.09
CA ALA A 20 0.50 21.70 -5.07
C ALA A 20 1.73 21.07 -4.42
N GLY A 21 1.65 19.77 -4.16
CA GLY A 21 2.75 19.01 -3.58
C GLY A 21 3.95 18.88 -4.52
N SER A 22 3.68 18.56 -5.78
CA SER A 22 4.70 18.49 -6.83
C SER A 22 5.47 19.79 -6.94
N TYR A 23 4.72 20.89 -7.06
CA TYR A 23 5.31 22.20 -7.29
C TYR A 23 5.95 22.77 -6.01
N LEU A 24 5.56 22.25 -4.85
CA LEU A 24 6.17 22.67 -3.60
C LEU A 24 7.43 21.86 -3.30
N ALA A 25 7.40 20.57 -3.67
CA ALA A 25 8.54 19.66 -3.47
C ALA A 25 9.76 20.04 -4.30
N VAL A 26 9.54 20.53 -5.52
CA VAL A 26 10.61 20.98 -6.40
C VAL A 26 11.40 22.10 -5.73
N LEU A 27 10.74 23.19 -5.34
CA LEU A 27 11.43 24.34 -4.74
C LEU A 27 12.09 24.01 -3.39
N ALA A 28 11.65 22.92 -2.77
CA ALA A 28 12.21 22.45 -1.51
C ALA A 28 13.51 21.69 -1.72
N GLU A 29 13.60 20.98 -2.84
CA GLU A 29 14.65 19.99 -3.11
C GLU A 29 15.70 20.44 -4.12
N ARG A 30 15.28 21.31 -5.06
CA ARG A 30 16.07 21.66 -6.24
C ARG A 30 17.53 22.02 -5.99
N GLY A 31 17.79 22.77 -4.93
CA GLY A 31 19.14 23.28 -4.66
C GLY A 31 20.00 22.43 -3.74
N ALA A 32 19.56 21.20 -3.49
CA ALA A 32 20.22 20.31 -2.55
C ALA A 32 20.94 19.18 -3.29
N PRO A 33 21.89 18.51 -2.62
CA PRO A 33 22.53 17.27 -3.10
C PRO A 33 21.60 16.03 -3.13
N GLY A 34 20.52 16.10 -3.90
CA GLY A 34 19.51 15.03 -3.88
C GLY A 34 18.76 14.73 -5.16
N ALA A 35 18.12 13.56 -5.16
CA ALA A 35 17.41 12.95 -6.31
C ALA A 35 16.47 13.88 -7.10
N GLN A 36 16.10 13.43 -8.30
CA GLN A 36 15.61 14.29 -9.38
C GLN A 36 14.31 15.06 -9.13
N LEU A 37 13.96 15.25 -7.85
CA LEU A 37 12.87 16.16 -7.49
C LEU A 37 13.34 17.59 -7.74
N ILE A 38 13.77 17.82 -8.97
CA ILE A 38 14.44 19.03 -9.37
C ILE A 38 13.79 19.60 -10.64
N THR A 39 12.93 18.80 -11.26
CA THR A 39 12.04 19.28 -12.32
C THR A 39 10.59 18.98 -11.96
N TYR A 40 9.66 19.81 -12.46
CA TYR A 40 8.23 19.62 -12.22
C TYR A 40 7.68 18.31 -12.82
N PRO A 41 7.90 18.08 -14.14
CA PRO A 41 7.35 16.87 -14.79
C PRO A 41 7.78 15.54 -14.16
N ARG A 42 8.69 15.62 -13.20
CA ARG A 42 9.16 14.44 -12.47
C ARG A 42 8.57 14.43 -11.08
N ALA A 43 8.28 15.61 -10.56
CA ALA A 43 7.62 15.75 -9.26
C ALA A 43 6.16 15.32 -9.33
N LEU A 44 5.51 15.55 -10.48
CA LEU A 44 4.14 15.09 -10.73
C LEU A 44 4.07 13.56 -10.68
N TRP A 45 5.03 12.93 -11.34
CA TRP A 45 5.15 11.48 -11.33
C TRP A 45 5.46 10.96 -9.93
N TRP A 46 6.22 11.72 -9.16
CA TRP A 46 6.55 11.32 -7.78
C TRP A 46 5.33 11.35 -6.89
N SER A 47 4.50 12.36 -7.08
CA SER A 47 3.26 12.51 -6.33
C SER A 47 2.38 11.29 -6.49
N VAL A 48 2.11 10.92 -7.74
CA VAL A 48 1.30 9.74 -8.04
C VAL A 48 1.92 8.49 -7.45
N GLU A 49 3.23 8.34 -7.62
CA GLU A 49 4.00 7.22 -7.04
C GLU A 49 3.78 7.14 -5.52
N THR A 50 3.73 8.30 -4.87
CA THR A 50 3.68 8.39 -3.41
C THR A 50 2.27 8.32 -2.84
N ALA A 51 1.32 9.00 -3.52
CA ALA A 51 -0.08 9.06 -3.07
C ALA A 51 -0.77 7.70 -3.19
N THR A 52 -0.35 6.93 -4.18
CA THR A 52 -0.78 5.55 -4.36
C THR A 52 -0.10 4.65 -3.33
N THR A 53 0.99 5.16 -2.78
CA THR A 53 1.92 4.42 -1.92
C THR A 53 2.53 3.22 -2.65
N VAL A 54 2.76 3.36 -3.95
CA VAL A 54 3.48 2.36 -4.73
C VAL A 54 4.97 2.45 -4.40
N GLY A 55 5.49 3.68 -4.40
CA GLY A 55 6.86 4.00 -3.99
C GLY A 55 7.92 3.15 -4.67
N TYR A 56 8.16 3.43 -5.96
CA TYR A 56 9.12 2.68 -6.76
C TYR A 56 10.53 2.79 -6.20
N GLY A 57 10.95 4.01 -5.90
CA GLY A 57 12.32 4.27 -5.43
C GLY A 57 13.20 5.04 -6.39
N ASP A 58 12.71 5.19 -7.62
CA ASP A 58 13.38 6.01 -8.64
C ASP A 58 13.41 7.51 -8.30
N LEU A 59 12.57 7.93 -7.35
CA LEU A 59 12.48 9.33 -6.92
C LEU A 59 11.99 9.40 -5.48
N TYR A 60 12.52 10.37 -4.73
CA TYR A 60 12.10 10.67 -3.35
C TYR A 60 12.81 11.91 -2.80
N PRO A 61 12.27 12.49 -1.71
CA PRO A 61 12.94 13.65 -1.14
C PRO A 61 14.11 13.31 -0.20
N VAL A 62 15.08 14.22 -0.13
CA VAL A 62 16.22 14.10 0.80
C VAL A 62 16.33 15.33 1.71
N THR A 63 15.51 16.34 1.46
CA THR A 63 15.39 17.51 2.33
C THR A 63 14.35 17.26 3.41
N LEU A 64 14.54 17.89 4.57
CA LEU A 64 13.57 17.83 5.66
C LEU A 64 12.21 18.39 5.24
N TRP A 65 12.25 19.55 4.58
CA TRP A 65 11.04 20.17 4.04
C TRP A 65 10.39 19.35 2.94
N GLY A 66 11.18 18.89 1.99
CA GLY A 66 10.70 18.02 0.93
C GLY A 66 10.09 16.73 1.46
N ARG A 67 10.57 16.30 2.63
CA ARG A 67 10.05 15.10 3.29
C ARG A 67 8.76 15.35 4.05
N CYS A 68 8.53 16.59 4.45
CA CYS A 68 7.24 17.01 5.00
C CYS A 68 6.17 16.94 3.92
N VAL A 69 6.40 17.66 2.83
CA VAL A 69 5.53 17.59 1.65
C VAL A 69 5.14 16.13 1.37
N ALA A 70 6.11 15.23 1.44
CA ALA A 70 5.88 13.80 1.25
C ALA A 70 4.72 13.28 2.10
N VAL A 71 4.89 13.34 3.43
CA VAL A 71 3.87 12.91 4.39
C VAL A 71 2.48 13.40 3.97
N VAL A 72 2.37 14.69 3.66
CA VAL A 72 1.10 15.28 3.23
C VAL A 72 0.54 14.53 2.02
N VAL A 73 1.32 14.40 0.95
CA VAL A 73 0.84 13.67 -0.24
C VAL A 73 0.58 12.16 0.04
N MET A 74 1.34 11.60 0.97
CA MET A 74 1.10 10.22 1.42
C MET A 74 -0.29 10.03 2.03
N VAL A 75 -0.58 10.74 3.12
CA VAL A 75 -1.88 10.59 3.80
C VAL A 75 -3.05 11.07 2.94
N ALA A 76 -2.83 12.10 2.13
CA ALA A 76 -3.82 12.60 1.18
C ALA A 76 -4.30 11.47 0.28
N GLY A 77 -3.37 10.63 -0.15
CA GLY A 77 -3.69 9.46 -0.96
C GLY A 77 -4.43 8.40 -0.17
N ILE A 78 -3.83 7.99 0.95
CA ILE A 78 -4.43 6.96 1.82
C ILE A 78 -5.86 7.33 2.20
N THR A 79 -6.03 8.51 2.79
CA THR A 79 -7.32 9.01 3.25
C THR A 79 -8.35 9.11 2.14
N SER A 80 -8.03 9.82 1.07
CA SER A 80 -9.01 10.02 0.01
C SER A 80 -9.38 8.71 -0.72
N PHE A 81 -8.43 7.78 -0.80
CA PHE A 81 -8.72 6.45 -1.33
C PHE A 81 -9.53 5.62 -0.35
N GLY A 82 -9.46 5.97 0.93
CA GLY A 82 -10.25 5.33 1.98
C GLY A 82 -11.71 5.72 1.87
N LEU A 83 -11.95 7.01 1.62
CA LEU A 83 -13.30 7.52 1.39
C LEU A 83 -14.03 6.77 0.29
N VAL A 84 -13.31 6.48 -0.80
CA VAL A 84 -13.90 5.80 -1.95
C VAL A 84 -14.27 4.36 -1.59
N THR A 85 -13.49 3.73 -0.72
CA THR A 85 -13.85 2.43 -0.16
C THR A 85 -15.08 2.55 0.74
N ALA A 86 -15.09 3.58 1.59
CA ALA A 86 -16.20 3.87 2.49
C ALA A 86 -17.50 4.15 1.74
N ALA A 87 -17.40 4.92 0.66
CA ALA A 87 -18.54 5.23 -0.21
C ALA A 87 -19.18 3.96 -0.74
N LEU A 88 -18.34 3.05 -1.24
CA LEU A 88 -18.80 1.77 -1.79
C LEU A 88 -19.33 0.82 -0.70
N ALA A 89 -18.78 0.93 0.51
CA ALA A 89 -19.18 0.09 1.63
C ALA A 89 -20.61 0.41 2.10
N THR A 90 -21.02 1.68 1.98
CA THR A 90 -22.36 2.07 2.37
C THR A 90 -23.35 1.91 1.22
N TRP A 91 -22.86 1.96 -0.01
CA TRP A 91 -23.67 1.66 -1.18
C TRP A 91 -24.08 0.18 -1.18
N PHE A 92 -23.19 -0.66 -0.66
CA PHE A 92 -23.48 -2.08 -0.50
C PHE A 92 -24.34 -2.33 0.73
N VAL A 93 -24.14 -1.52 1.77
CA VAL A 93 -24.97 -1.56 2.98
C VAL A 93 -26.37 -0.99 2.69
N GLY A 94 -26.44 -0.01 1.80
CA GLY A 94 -27.70 0.58 1.35
C GLY A 94 -28.54 -0.36 0.51
N ARG A 95 -28.23 -1.66 0.60
CA ARG A 95 -29.08 -2.71 0.05
C ARG A 95 -29.32 -3.77 1.13
N GLU A 96 -29.99 -3.33 2.18
CA GLU A 96 -30.43 -4.18 3.28
C GLU A 96 -31.86 -4.65 3.05
N GLN A 97 -32.55 -3.97 2.13
CA GLN A 97 -33.94 -4.25 1.77
C GLN A 97 -34.11 -5.63 1.16
N ALA B 1 -26.60 -11.84 -4.79
CA ALA B 1 -26.85 -10.45 -4.35
C ALA B 1 -26.17 -9.45 -5.29
N LEU B 2 -25.84 -8.27 -4.76
CA LEU B 2 -25.05 -7.28 -5.50
C LEU B 2 -23.62 -7.23 -4.96
N HIS B 3 -23.49 -6.92 -3.67
CA HIS B 3 -22.18 -6.75 -3.03
C HIS B 3 -21.25 -7.94 -3.29
N TRP B 4 -21.80 -9.14 -3.19
CA TRP B 4 -21.06 -10.39 -3.34
C TRP B 4 -20.70 -10.65 -4.81
N ARG B 5 -21.53 -10.12 -5.70
CA ARG B 5 -21.40 -10.38 -7.14
C ARG B 5 -20.68 -9.28 -7.90
N ALA B 6 -20.82 -8.04 -7.43
CA ALA B 6 -20.15 -6.88 -8.03
C ALA B 6 -18.64 -7.00 -7.83
N ALA B 7 -18.25 -7.50 -6.66
CA ALA B 7 -16.85 -7.72 -6.32
C ALA B 7 -16.22 -8.80 -7.21
N GLY B 8 -16.86 -9.97 -7.27
CA GLY B 8 -16.40 -11.05 -8.13
C GLY B 8 -16.21 -10.63 -9.58
N ALA B 9 -17.04 -9.69 -10.03
CA ALA B 9 -16.97 -9.16 -11.39
C ALA B 9 -15.85 -8.13 -11.55
N ALA B 10 -15.55 -7.41 -10.46
CA ALA B 10 -14.47 -6.43 -10.46
C ALA B 10 -13.10 -7.09 -10.59
N THR B 11 -12.97 -8.30 -10.03
CA THR B 11 -11.72 -9.05 -10.13
C THR B 11 -11.51 -9.60 -11.54
N VAL B 12 -12.62 -9.92 -12.22
CA VAL B 12 -12.57 -10.27 -13.64
C VAL B 12 -12.16 -9.04 -14.46
N LEU B 13 -12.56 -7.86 -13.99
CA LEU B 13 -12.20 -6.61 -14.64
C LEU B 13 -10.73 -6.24 -14.38
N LEU B 14 -10.20 -6.58 -13.20
CA LEU B 14 -8.80 -6.28 -12.86
C LEU B 14 -7.81 -7.05 -13.73
N VAL B 15 -8.11 -8.33 -13.98
CA VAL B 15 -7.31 -9.15 -14.89
C VAL B 15 -7.25 -8.54 -16.29
N ILE B 16 -8.39 -8.05 -16.79
CA ILE B 16 -8.47 -7.33 -18.06
C ILE B 16 -7.50 -6.14 -18.09
N VAL B 17 -7.54 -5.29 -17.08
CA VAL B 17 -6.70 -4.09 -17.00
C VAL B 17 -5.20 -4.45 -16.92
N LEU B 18 -4.87 -5.53 -16.20
CA LEU B 18 -3.48 -5.98 -16.12
C LEU B 18 -2.93 -6.36 -17.49
N LEU B 19 -3.58 -7.31 -18.16
CA LEU B 19 -3.15 -7.77 -19.48
C LEU B 19 -3.11 -6.63 -20.52
N ALA B 20 -4.14 -5.78 -20.52
CA ALA B 20 -4.21 -4.64 -21.42
C ALA B 20 -3.16 -3.60 -21.07
N GLY B 21 -2.94 -3.38 -19.78
CA GLY B 21 -1.92 -2.45 -19.30
C GLY B 21 -0.50 -2.91 -19.60
N SER B 22 -0.23 -4.18 -19.34
CA SER B 22 1.06 -4.79 -19.64
C SER B 22 1.41 -4.63 -21.12
N TYR B 23 0.48 -5.01 -21.97
CA TYR B 23 0.71 -5.01 -23.40
C TYR B 23 0.67 -3.60 -24.00
N LEU B 24 0.08 -2.65 -23.28
CA LEU B 24 0.08 -1.27 -23.73
C LEU B 24 1.35 -0.55 -23.27
N ALA B 25 1.82 -0.89 -22.07
CA ALA B 25 3.03 -0.30 -21.49
C ALA B 25 4.30 -0.65 -22.26
N VAL B 26 4.37 -1.87 -22.77
CA VAL B 26 5.49 -2.32 -23.60
C VAL B 26 5.66 -1.42 -24.82
N LEU B 27 4.62 -1.29 -25.65
CA LEU B 27 4.71 -0.49 -26.87
C LEU B 27 4.93 1.01 -26.60
N ALA B 28 4.63 1.43 -25.37
CA ALA B 28 4.85 2.82 -24.97
C ALA B 28 6.30 3.08 -24.60
N GLU B 29 6.96 2.06 -24.05
CA GLU B 29 8.29 2.18 -23.44
C GLU B 29 9.44 1.60 -24.26
N ARG B 30 9.13 0.59 -25.07
CA ARG B 30 10.13 -0.26 -25.74
C ARG B 30 11.26 0.49 -26.46
N GLY B 31 10.91 1.59 -27.13
CA GLY B 31 11.88 2.31 -27.96
C GLY B 31 12.58 3.48 -27.28
N ALA B 32 12.45 3.56 -25.95
CA ALA B 32 13.00 4.66 -25.19
C ALA B 32 14.21 4.24 -24.38
N PRO B 33 15.04 5.20 -23.92
CA PRO B 33 16.12 4.99 -22.96
C PRO B 33 15.65 4.64 -21.54
N GLY B 34 14.93 3.53 -21.38
CA GLY B 34 14.33 3.20 -20.09
C GLY B 34 14.20 1.73 -19.72
N ALA B 35 13.96 1.52 -18.42
CA ALA B 35 13.87 0.19 -17.75
C ALA B 35 13.03 -0.89 -18.45
N GLN B 36 13.24 -2.13 -18.04
CA GLN B 36 12.92 -3.32 -18.84
C GLN B 36 11.44 -3.53 -19.21
N LEU B 37 10.66 -2.45 -19.18
CA LEU B 37 9.29 -2.51 -19.71
C LEU B 37 9.38 -2.59 -21.24
N ILE B 38 10.11 -3.59 -21.69
CA ILE B 38 10.49 -3.74 -23.08
C ILE B 38 10.17 -5.15 -23.57
N THR B 39 9.85 -6.04 -22.64
CA THR B 39 9.28 -7.34 -22.95
C THR B 39 7.94 -7.52 -22.22
N TYR B 40 7.05 -8.31 -22.81
CA TYR B 40 5.74 -8.58 -22.21
C TYR B 40 5.82 -9.35 -20.88
N PRO B 41 6.53 -10.51 -20.85
CA PRO B 41 6.61 -11.31 -19.61
C PRO B 41 7.17 -10.56 -18.40
N ARG B 42 7.65 -9.34 -18.62
CA ARG B 42 8.16 -8.48 -17.56
C ARG B 42 7.15 -7.41 -17.23
N ALA B 43 6.37 -7.01 -18.24
CA ALA B 43 5.31 -6.03 -18.05
C ALA B 43 4.14 -6.61 -17.24
N LEU B 44 3.88 -7.91 -17.42
CA LEU B 44 2.86 -8.62 -16.62
C LEU B 44 3.24 -8.58 -15.15
N TRP B 45 4.52 -8.85 -14.87
CA TRP B 45 5.04 -8.81 -13.52
C TRP B 45 5.01 -7.38 -12.95
N TRP B 46 5.19 -6.39 -13.81
CA TRP B 46 5.14 -5.00 -13.38
C TRP B 46 3.73 -4.60 -12.99
N SER B 47 2.75 -5.07 -13.76
CA SER B 47 1.34 -4.82 -13.50
C SER B 47 0.98 -5.27 -12.10
N VAL B 48 1.26 -6.53 -11.80
CA VAL B 48 0.99 -7.10 -10.48
C VAL B 48 1.71 -6.29 -9.40
N GLU B 49 2.98 -5.99 -9.64
CA GLU B 49 3.78 -5.19 -8.71
C GLU B 49 3.12 -3.83 -8.42
N THR B 50 2.49 -3.24 -9.44
CA THR B 50 1.93 -1.91 -9.36
C THR B 50 0.48 -1.89 -8.86
N ALA B 51 -0.33 -2.83 -9.33
CA ALA B 51 -1.74 -2.91 -8.95
C ALA B 51 -1.92 -3.28 -7.48
N THR B 52 -0.97 -4.04 -6.96
CA THR B 52 -0.90 -4.36 -5.54
C THR B 52 -0.38 -3.16 -4.77
N THR B 53 0.25 -2.25 -5.51
CA THR B 53 0.99 -1.12 -4.95
C THR B 53 2.13 -1.59 -4.02
N VAL B 54 2.73 -2.73 -4.35
CA VAL B 54 3.96 -3.19 -3.68
C VAL B 54 5.14 -2.35 -4.14
N GLY B 55 5.24 -2.16 -5.46
CA GLY B 55 6.27 -1.31 -6.10
C GLY B 55 7.69 -1.58 -5.63
N TYR B 56 8.27 -2.68 -6.13
CA TYR B 56 9.61 -3.12 -5.73
C TYR B 56 10.65 -2.11 -6.15
N GLY B 57 10.59 -1.69 -7.42
CA GLY B 57 11.55 -0.75 -7.99
C GLY B 57 12.42 -1.35 -9.07
N ASP B 58 12.35 -2.68 -9.20
CA ASP B 58 13.08 -3.39 -10.26
C ASP B 58 12.55 -3.06 -11.66
N LEU B 59 11.37 -2.46 -11.74
CA LEU B 59 10.75 -2.09 -13.02
C LEU B 59 9.79 -0.91 -12.82
N TYR B 60 9.74 -0.03 -13.81
CA TYR B 60 8.80 1.11 -13.85
C TYR B 60 8.88 1.88 -15.18
N PRO B 61 7.85 2.71 -15.47
CA PRO B 61 7.91 3.48 -16.71
C PRO B 61 8.73 4.76 -16.62
N VAL B 62 9.32 5.16 -17.74
CA VAL B 62 10.07 6.42 -17.83
C VAL B 62 9.51 7.32 -18.94
N THR B 63 8.57 6.78 -19.71
CA THR B 63 7.84 7.54 -20.72
C THR B 63 6.60 8.18 -20.09
N LEU B 64 6.19 9.34 -20.62
CA LEU B 64 4.99 10.03 -20.18
C LEU B 64 3.75 9.15 -20.42
N TRP B 65 3.67 8.53 -21.59
CA TRP B 65 2.59 7.61 -21.91
C TRP B 65 2.61 6.35 -21.06
N GLY B 66 3.79 5.73 -20.94
CA GLY B 66 3.96 4.58 -20.06
C GLY B 66 3.59 4.88 -18.62
N ARG B 67 3.76 6.14 -18.23
CA ARG B 67 3.43 6.58 -16.88
C ARG B 67 1.93 6.83 -16.67
N CYS B 68 1.23 7.14 -17.77
CA CYS B 68 -0.23 7.19 -17.76
C CYS B 68 -0.78 5.80 -17.50
N VAL B 69 -0.43 4.85 -18.37
CA VAL B 69 -0.78 3.44 -18.18
C VAL B 69 -0.63 3.07 -16.71
N ALA B 70 0.47 3.47 -16.10
CA ALA B 70 0.74 3.20 -14.68
C ALA B 70 -0.44 3.60 -13.79
N VAL B 71 -0.75 4.90 -13.77
CA VAL B 71 -1.86 5.44 -12.98
C VAL B 71 -3.09 4.56 -13.11
N VAL B 72 -3.46 4.23 -14.35
CA VAL B 72 -4.62 3.37 -14.61
C VAL B 72 -4.51 2.04 -13.85
N VAL B 73 -3.41 1.29 -14.04
CA VAL B 73 -3.24 0.03 -13.33
C VAL B 73 -3.11 0.20 -11.80
N MET B 74 -2.60 1.35 -11.36
CA MET B 74 -2.55 1.69 -9.94
C MET B 74 -3.95 1.77 -9.33
N VAL B 75 -4.78 2.70 -9.81
CA VAL B 75 -6.11 2.87 -9.25
C VAL B 75 -7.01 1.64 -9.46
N ALA B 76 -6.84 0.97 -10.59
CA ALA B 76 -7.56 -0.28 -10.88
C ALA B 76 -7.35 -1.29 -9.78
N GLY B 77 -6.13 -1.35 -9.26
CA GLY B 77 -5.80 -2.22 -8.13
C GLY B 77 -6.41 -1.73 -6.84
N ILE B 78 -6.15 -0.47 -6.50
CA ILE B 78 -6.67 0.13 -5.27
C ILE B 78 -8.20 -0.02 -5.20
N THR B 79 -8.88 0.50 -6.23
CA THR B 79 -10.35 0.46 -6.31
C THR B 79 -10.91 -0.95 -6.22
N SER B 80 -10.50 -1.85 -7.11
CA SER B 80 -11.09 -3.19 -7.12
C SER B 80 -10.78 -4.00 -5.85
N PHE B 81 -9.63 -3.75 -5.23
CA PHE B 81 -9.32 -4.35 -3.93
C PHE B 81 -10.13 -3.69 -2.81
N GLY B 82 -10.60 -2.47 -3.05
CA GLY B 82 -11.47 -1.76 -2.12
C GLY B 82 -12.85 -2.39 -2.09
N LEU B 83 -13.37 -2.71 -3.28
CA LEU B 83 -14.65 -3.40 -3.43
C LEU B 83 -14.71 -4.69 -2.63
N VAL B 84 -13.62 -5.46 -2.65
CA VAL B 84 -13.56 -6.74 -1.95
C VAL B 84 -13.60 -6.53 -0.43
N THR B 85 -13.00 -5.42 0.04
CA THR B 85 -13.15 -5.03 1.44
C THR B 85 -14.59 -4.60 1.74
N ALA B 86 -15.16 -3.80 0.85
CA ALA B 86 -16.54 -3.37 0.96
C ALA B 86 -17.53 -4.54 0.97
N ALA B 87 -17.30 -5.52 0.10
CA ALA B 87 -18.12 -6.72 0.02
C ALA B 87 -18.15 -7.46 1.37
N LEU B 88 -16.97 -7.62 1.97
CA LEU B 88 -16.82 -8.30 3.27
C LEU B 88 -17.38 -7.47 4.42
N ALA B 89 -17.34 -6.14 4.27
CA ALA B 89 -17.85 -5.23 5.29
C ALA B 89 -19.36 -5.29 5.43
N THR B 90 -20.06 -5.54 4.33
CA THR B 90 -21.52 -5.66 4.37
C THR B 90 -21.96 -7.08 4.66
N TRP B 91 -21.12 -8.06 4.36
CA TRP B 91 -21.36 -9.45 4.76
C TRP B 91 -21.30 -9.58 6.27
N PHE B 92 -20.42 -8.78 6.89
CA PHE B 92 -20.32 -8.72 8.34
C PHE B 92 -21.44 -7.86 8.94
N VAL B 93 -21.84 -6.82 8.22
CA VAL B 93 -23.00 -5.99 8.59
C VAL B 93 -24.32 -6.76 8.41
N GLY B 94 -24.36 -7.63 7.39
CA GLY B 94 -25.52 -8.49 7.14
C GLY B 94 -25.69 -9.58 8.17
N ARG B 95 -25.07 -9.37 9.33
CA ARG B 95 -25.34 -10.17 10.53
C ARG B 95 -25.61 -9.25 11.72
N GLU B 96 -26.70 -8.50 11.59
CA GLU B 96 -27.22 -7.62 12.63
C GLU B 96 -28.30 -8.34 13.44
N GLN B 97 -28.79 -9.44 12.89
CA GLN B 97 -29.84 -10.28 13.50
C GLN B 97 -29.39 -10.90 14.81
N ALA C 1 -18.87 -13.47 18.05
CA ALA C 1 -19.66 -13.15 16.84
C ALA C 1 -19.04 -13.79 15.60
N LEU C 2 -19.25 -13.18 14.43
CA LEU C 2 -18.58 -13.62 13.20
C LEU C 2 -17.50 -12.63 12.82
N HIS C 3 -17.89 -11.37 12.62
CA HIS C 3 -16.96 -10.32 12.17
C HIS C 3 -15.70 -10.25 13.03
N TRP C 4 -15.87 -10.35 14.34
CA TRP C 4 -14.80 -10.23 15.31
C TRP C 4 -13.93 -11.49 15.33
N ARG C 5 -14.53 -12.62 14.95
CA ARG C 5 -13.87 -13.94 15.03
C ARG C 5 -13.30 -14.40 13.69
N ALA C 6 -13.94 -14.01 12.59
CA ALA C 6 -13.47 -14.34 11.24
C ALA C 6 -12.15 -13.64 10.95
N ALA C 7 -12.03 -12.42 11.46
CA ALA C 7 -10.82 -11.62 11.32
C ALA C 7 -9.65 -12.24 12.08
N GLY C 8 -9.85 -12.50 13.37
CA GLY C 8 -8.84 -13.16 14.19
C GLY C 8 -8.33 -14.46 13.57
N ALA C 9 -9.21 -15.16 12.85
CA ALA C 9 -8.87 -16.42 12.20
C ALA C 9 -8.11 -16.19 10.90
N ALA C 10 -8.40 -15.07 10.25
CA ALA C 10 -7.71 -14.69 9.01
C ALA C 10 -6.24 -14.35 9.26
N THR C 11 -5.94 -13.79 10.43
CA THR C 11 -4.56 -13.47 10.81
C THR C 11 -3.77 -14.73 11.14
N VAL C 12 -4.45 -15.75 11.66
CA VAL C 12 -3.86 -17.07 11.84
C VAL C 12 -3.60 -17.69 10.47
N LEU C 13 -4.43 -17.37 9.50
CA LEU C 13 -4.25 -17.87 8.15
C LEU C 13 -3.12 -17.14 7.42
N LEU C 14 -2.93 -15.86 7.71
CA LEU C 14 -1.88 -15.05 7.08
C LEU C 14 -0.47 -15.53 7.46
N VAL C 15 -0.28 -15.88 8.73
CA VAL C 15 0.97 -16.46 9.22
C VAL C 15 1.30 -17.75 8.47
N ILE C 16 0.29 -18.60 8.28
CA ILE C 16 0.41 -19.82 7.47
C ILE C 16 0.96 -19.51 6.07
N VAL C 17 0.34 -18.56 5.38
CA VAL C 17 0.73 -18.20 4.01
C VAL C 17 2.15 -17.63 3.93
N LEU C 18 2.54 -16.85 4.94
CA LEU C 18 3.90 -16.31 5.01
C LEU C 18 4.94 -17.43 5.09
N LEU C 19 4.84 -18.27 6.11
CA LEU C 19 5.79 -19.37 6.31
C LEU C 19 5.83 -20.32 5.12
N ALA C 20 4.66 -20.64 4.57
CA ALA C 20 4.54 -21.52 3.42
C ALA C 20 5.08 -20.86 2.17
N GLY C 21 4.81 -19.56 2.02
CA GLY C 21 5.30 -18.77 0.90
C GLY C 21 6.81 -18.58 0.93
N SER C 22 7.35 -18.24 2.09
CA SER C 22 8.79 -18.09 2.31
C SER C 22 9.52 -19.36 1.90
N TYR C 23 9.07 -20.48 2.44
CA TYR C 23 9.74 -21.75 2.23
C TYR C 23 9.49 -22.32 0.83
N LEU C 24 8.47 -21.82 0.15
CA LEU C 24 8.20 -22.25 -1.22
C LEU C 24 8.99 -21.39 -2.21
N ALA C 25 9.12 -20.11 -1.88
CA ALA C 25 9.85 -19.15 -2.72
C ALA C 25 11.35 -19.46 -2.82
N VAL C 26 11.94 -19.91 -1.71
CA VAL C 26 13.34 -20.31 -1.68
C VAL C 26 13.61 -21.39 -2.70
N LEU C 27 12.91 -22.53 -2.61
CA LEU C 27 13.15 -23.65 -3.53
C LEU C 27 12.83 -23.32 -5.00
N ALA C 28 12.06 -22.26 -5.21
CA ALA C 28 11.70 -21.80 -6.54
C ALA C 28 12.82 -20.98 -7.16
N GLU C 29 13.54 -20.24 -6.31
CA GLU C 29 14.49 -19.21 -6.73
C GLU C 29 15.95 -19.59 -6.56
N ARG C 30 16.24 -20.45 -5.60
CA ARG C 30 17.61 -20.75 -5.13
C ARG C 30 18.63 -21.05 -6.21
N GLY C 31 18.23 -21.81 -7.22
CA GLY C 31 19.15 -22.26 -8.28
C GLY C 31 19.23 -21.37 -9.51
N ALA C 32 18.67 -20.17 -9.42
CA ALA C 32 18.59 -19.27 -10.56
C ALA C 32 19.55 -18.09 -10.39
N PRO C 33 19.86 -17.38 -11.50
CA PRO C 33 20.59 -16.11 -11.49
C PRO C 33 19.81 -14.92 -10.88
N GLY C 34 19.44 -15.02 -9.61
CA GLY C 34 18.56 -14.01 -9.00
C GLY C 34 18.75 -13.71 -7.52
N ALA C 35 18.17 -12.57 -7.12
CA ALA C 35 18.28 -11.97 -5.77
C ALA C 35 18.06 -12.93 -4.58
N GLN C 36 18.48 -12.46 -3.40
CA GLN C 36 18.78 -13.34 -2.26
C GLN C 36 17.61 -14.15 -1.69
N LEU C 37 16.58 -14.41 -2.50
CA LEU C 37 15.55 -15.37 -2.13
C LEU C 37 16.14 -16.78 -2.23
N ILE C 38 17.24 -16.96 -1.51
CA ILE C 38 18.08 -18.15 -1.61
C ILE C 38 18.36 -18.71 -0.23
N THR C 39 18.02 -17.94 0.81
CA THR C 39 17.98 -18.44 2.19
C THR C 39 16.60 -18.20 2.78
N TYR C 40 16.22 -19.06 3.73
CA TYR C 40 14.91 -18.95 4.41
C TYR C 40 14.79 -17.66 5.24
N PRO C 41 15.75 -17.39 6.16
CA PRO C 41 15.64 -16.20 7.04
C PRO C 41 15.55 -14.86 6.28
N ARG C 42 15.69 -14.92 4.96
CA ARG C 42 15.57 -13.74 4.12
C ARG C 42 14.24 -13.78 3.38
N ALA C 43 13.75 -14.98 3.12
CA ALA C 43 12.46 -15.17 2.49
C ALA C 43 11.30 -14.80 3.44
N LEU C 44 11.50 -15.06 4.74
CA LEU C 44 10.54 -14.65 5.78
C LEU C 44 10.39 -13.13 5.79
N TRP C 45 11.52 -12.43 5.75
CA TRP C 45 11.54 -10.98 5.68
C TRP C 45 10.93 -10.45 4.39
N TRP C 46 11.07 -11.21 3.30
CA TRP C 46 10.48 -10.82 2.02
C TRP C 46 8.99 -10.92 2.06
N SER C 47 8.49 -11.98 2.69
CA SER C 47 7.06 -12.21 2.85
C SER C 47 6.41 -11.02 3.53
N VAL C 48 6.93 -10.63 4.69
CA VAL C 48 6.42 -9.49 5.44
C VAL C 48 6.50 -8.21 4.60
N GLU C 49 7.62 -8.02 3.94
CA GLU C 49 7.81 -6.88 3.04
C GLU C 49 6.72 -6.83 1.95
N THR C 50 6.32 -8.00 1.46
CA THR C 50 5.40 -8.12 0.34
C THR C 50 3.92 -8.15 0.75
N ALA C 51 3.63 -8.86 1.83
CA ALA C 51 2.26 -8.98 2.34
C ALA C 51 1.72 -7.65 2.87
N THR C 52 2.64 -6.82 3.39
CA THR C 52 2.31 -5.48 3.84
C THR C 52 2.18 -4.58 2.62
N THR C 53 2.72 -5.06 1.51
CA THR C 53 2.89 -4.28 0.28
C THR C 53 3.78 -3.04 0.50
N VAL C 54 4.78 -3.15 1.39
CA VAL C 54 5.77 -2.09 1.59
C VAL C 54 6.76 -2.12 0.42
N GLY C 55 7.22 -3.33 0.09
CA GLY C 55 8.07 -3.58 -1.08
C GLY C 55 9.28 -2.67 -1.18
N TYR C 56 10.27 -2.90 -0.31
CA TYR C 56 11.49 -2.09 -0.25
C TYR C 56 12.27 -2.15 -1.54
N GLY C 57 12.49 -3.36 -2.05
CA GLY C 57 13.28 -3.55 -3.26
C GLY C 57 14.60 -4.27 -3.04
N ASP C 58 14.98 -4.41 -1.76
CA ASP C 58 16.15 -5.17 -1.38
C ASP C 58 16.06 -6.68 -1.70
N LEU C 59 14.84 -7.16 -1.97
CA LEU C 59 14.58 -8.56 -2.26
C LEU C 59 13.30 -8.69 -3.10
N TYR C 60 13.32 -9.65 -4.03
CA TYR C 60 12.16 -10.00 -4.87
C TYR C 60 12.43 -11.23 -5.75
N PRO C 61 11.37 -11.85 -6.30
CA PRO C 61 11.62 -13.00 -7.16
C PRO C 61 11.96 -12.61 -8.60
N VAL C 62 12.73 -13.48 -9.27
CA VAL C 62 13.06 -13.30 -10.69
C VAL C 62 12.65 -14.54 -11.51
N THR C 63 12.20 -15.58 -10.81
CA THR C 63 11.65 -16.78 -11.46
C THR C 63 10.15 -16.61 -11.68
N LEU C 64 9.63 -17.25 -12.73
CA LEU C 64 8.20 -17.25 -13.01
C LEU C 64 7.41 -17.87 -11.85
N TRP C 65 7.90 -19.02 -11.36
CA TRP C 65 7.30 -19.69 -10.20
C TRP C 65 7.40 -18.88 -8.93
N GLY C 66 8.60 -18.36 -8.64
CA GLY C 66 8.81 -17.48 -7.49
C GLY C 66 7.93 -16.24 -7.54
N ARG C 67 7.58 -15.81 -8.75
CA ARG C 67 6.72 -14.64 -8.94
C ARG C 67 5.23 -14.98 -8.77
N CYS C 68 4.88 -16.25 -8.95
CA CYS C 68 3.54 -16.73 -8.62
C CYS C 68 3.35 -16.67 -7.12
N VAL C 69 4.24 -17.37 -6.40
CA VAL C 69 4.26 -17.32 -4.93
C VAL C 69 4.03 -15.89 -4.45
N ALA C 70 4.72 -14.93 -5.08
CA ALA C 70 4.57 -13.51 -4.76
C ALA C 70 3.11 -13.06 -4.74
N VAL C 71 2.45 -13.13 -5.90
CA VAL C 71 1.04 -12.78 -6.04
C VAL C 71 0.22 -13.32 -4.86
N VAL C 72 0.38 -14.61 -4.57
CA VAL C 72 -0.33 -15.25 -3.46
C VAL C 72 -0.08 -14.50 -2.15
N VAL C 73 1.18 -14.30 -1.77
CA VAL C 73 1.49 -13.58 -0.53
C VAL C 73 1.04 -12.12 -0.56
N MET C 74 1.03 -11.52 -1.75
CA MET C 74 0.52 -10.16 -1.95
C MET C 74 -0.95 -10.04 -1.58
N VAL C 75 -1.82 -10.79 -2.28
CA VAL C 75 -3.26 -10.71 -2.04
C VAL C 75 -3.65 -11.22 -0.65
N ALA C 76 -2.92 -12.22 -0.15
CA ALA C 76 -3.13 -12.75 1.20
C ALA C 76 -3.00 -11.64 2.23
N GLY C 77 -2.05 -10.74 2.02
CA GLY C 77 -1.88 -9.58 2.87
C GLY C 77 -2.99 -8.56 2.69
N ILE C 78 -3.23 -8.16 1.45
CA ILE C 78 -4.26 -7.16 1.14
C ILE C 78 -5.61 -7.61 1.71
N THR C 79 -6.04 -8.82 1.32
CA THR C 79 -7.33 -9.37 1.72
C THR C 79 -7.45 -9.49 3.23
N SER C 80 -6.54 -10.19 3.88
CA SER C 80 -6.67 -10.40 5.32
C SER C 80 -6.58 -9.09 6.12
N PHE C 81 -5.82 -8.12 5.62
CA PHE C 81 -5.78 -6.80 6.25
C PHE C 81 -7.08 -6.03 5.98
N GLY C 82 -7.78 -6.40 4.91
CA GLY C 82 -9.07 -5.81 4.58
C GLY C 82 -10.14 -6.27 5.55
N LEU C 83 -10.13 -7.57 5.87
CA LEU C 83 -11.03 -8.14 6.86
C LEU C 83 -10.96 -7.41 8.19
N VAL C 84 -9.74 -7.08 8.63
CA VAL C 84 -9.55 -6.39 9.90
C VAL C 84 -10.13 -4.97 9.87
N THR C 85 -10.08 -4.33 8.71
CA THR C 85 -10.76 -3.05 8.49
C THR C 85 -12.28 -3.25 8.52
N ALA C 86 -12.74 -4.29 7.82
CA ALA C 86 -14.16 -4.65 7.79
C ALA C 86 -14.72 -4.96 9.17
N ALA C 87 -13.94 -5.72 9.96
CA ALA C 87 -14.30 -6.06 11.34
C ALA C 87 -14.54 -4.81 12.18
N LEU C 88 -13.63 -3.85 12.08
CA LEU C 88 -13.73 -2.59 12.81
C LEU C 88 -14.85 -1.69 12.28
N ALA C 89 -15.15 -1.81 10.99
CA ALA C 89 -16.18 -1.01 10.35
C ALA C 89 -17.58 -1.39 10.83
N THR C 90 -17.77 -2.67 11.15
CA THR C 90 -19.08 -3.14 11.67
C THR C 90 -19.17 -3.00 13.19
N TRP C 91 -18.03 -3.01 13.86
CA TRP C 91 -17.96 -2.72 15.30
C TRP C 91 -18.36 -1.26 15.55
N PHE C 92 -18.00 -0.40 14.61
CA PHE C 92 -18.39 1.00 14.68
C PHE C 92 -19.84 1.20 14.23
N VAL C 93 -20.28 0.37 13.27
CA VAL C 93 -21.66 0.35 12.81
C VAL C 93 -22.58 -0.28 13.89
N GLY C 94 -22.04 -1.24 14.63
CA GLY C 94 -22.73 -1.88 15.75
C GLY C 94 -22.94 -0.96 16.94
N ARG C 95 -22.83 0.35 16.69
CA ARG C 95 -23.21 1.37 17.66
C ARG C 95 -24.11 2.40 16.96
N GLU C 96 -25.25 1.90 16.51
CA GLU C 96 -26.31 2.72 15.92
C GLU C 96 -27.32 3.13 16.99
N GLN C 97 -27.27 2.43 18.13
CA GLN C 97 -28.17 2.64 19.26
C GLN C 97 -28.00 4.03 19.87
N ALA D 1 -18.76 10.54 20.11
CA ALA D 1 -19.17 9.12 19.89
C ALA D 1 -18.02 8.17 20.21
N LEU D 2 -18.01 7.01 19.56
CA LEU D 2 -16.88 6.07 19.66
C LEU D 2 -16.06 6.09 18.37
N HIS D 3 -16.73 5.78 17.26
CA HIS D 3 -16.08 5.67 15.94
C HIS D 3 -15.23 6.90 15.60
N TRP D 4 -15.79 8.08 15.88
CA TRP D 4 -15.17 9.35 15.57
C TRP D 4 -14.02 9.66 16.53
N ARG D 5 -14.09 9.10 17.74
CA ARG D 5 -13.14 9.39 18.81
C ARG D 5 -12.05 8.33 18.95
N ALA D 6 -12.39 7.08 18.65
CA ALA D 6 -11.43 5.97 18.69
C ALA D 6 -10.37 6.14 17.61
N ALA D 7 -10.79 6.67 16.46
CA ALA D 7 -9.91 6.94 15.34
C ALA D 7 -8.92 8.06 15.69
N GLY D 8 -9.43 9.20 16.15
CA GLY D 8 -8.59 10.32 16.57
C GLY D 8 -7.55 9.93 17.60
N ALA D 9 -7.89 8.96 18.44
CA ALA D 9 -6.99 8.46 19.48
C ALA D 9 -5.96 7.47 18.91
N ALA D 10 -6.34 6.75 17.86
CA ALA D 10 -5.43 5.82 17.18
C ALA D 10 -4.31 6.56 16.46
N THR D 11 -4.60 7.77 15.96
CA THR D 11 -3.58 8.60 15.30
C THR D 11 -2.59 9.18 16.30
N VAL D 12 -3.06 9.42 17.52
CA VAL D 12 -2.19 9.80 18.63
C VAL D 12 -1.32 8.60 19.02
N LEU D 13 -1.86 7.41 18.86
CA LEU D 13 -1.10 6.18 19.12
C LEU D 13 -0.07 5.88 18.02
N LEU D 14 -0.38 6.24 16.77
CA LEU D 14 0.53 6.00 15.64
C LEU D 14 1.80 6.83 15.75
N VAL D 15 1.65 8.10 16.15
CA VAL D 15 2.80 8.98 16.41
C VAL D 15 3.73 8.38 17.47
N ILE D 16 3.14 7.85 18.55
CA ILE D 16 3.89 7.14 19.60
C ILE D 16 4.75 6.02 19.01
N VAL D 17 4.12 5.14 18.21
CA VAL D 17 4.81 3.99 17.61
C VAL D 17 5.94 4.42 16.66
N LEU D 18 5.72 5.50 15.89
CA LEU D 18 6.76 6.02 15.00
C LEU D 18 8.00 6.45 15.76
N LEU D 19 7.84 7.37 16.71
CA LEU D 19 8.96 7.88 17.51
C LEU D 19 9.68 6.76 18.28
N ALA D 20 8.90 5.86 18.89
CA ALA D 20 9.44 4.73 19.63
C ALA D 20 10.13 3.73 18.70
N GLY D 21 9.52 3.51 17.53
CA GLY D 21 10.07 2.63 16.51
C GLY D 21 11.36 3.16 15.90
N SER D 22 11.36 4.44 15.55
CA SER D 22 12.56 5.12 15.03
C SER D 22 13.74 5.00 15.98
N TYR D 23 13.50 5.34 17.24
CA TYR D 23 14.54 5.38 18.23
C TYR D 23 14.95 3.98 18.71
N LEU D 24 14.09 2.99 18.47
CA LEU D 24 14.42 1.60 18.80
C LEU D 24 15.20 0.94 17.66
N ALA D 25 14.83 1.30 16.43
CA ALA D 25 15.46 0.76 15.22
C ALA D 25 16.92 1.19 15.06
N VAL D 26 17.22 2.42 15.46
CA VAL D 26 18.59 2.93 15.44
C VAL D 26 19.50 2.05 16.30
N LEU D 27 19.18 1.89 17.58
CA LEU D 27 20.04 1.11 18.49
C LEU D 27 20.13 -0.37 18.10
N ALA D 28 19.16 -0.84 17.32
CA ALA D 28 19.16 -2.22 16.82
C ALA D 28 20.11 -2.40 15.64
N GLU D 29 20.26 -1.36 14.83
CA GLU D 29 20.93 -1.42 13.54
C GLU D 29 22.31 -0.78 13.49
N ARG D 30 22.51 0.23 14.35
CA ARG D 30 23.67 1.13 14.28
C ARG D 30 25.04 0.46 14.17
N GLY D 31 25.23 -0.64 14.90
CA GLY D 31 26.54 -1.30 14.95
C GLY D 31 26.74 -2.45 13.96
N ALA D 32 25.85 -2.55 12.98
CA ALA D 32 25.88 -3.64 12.03
C ALA D 32 26.32 -3.15 10.65
N PRO D 33 26.74 -4.09 9.77
CA PRO D 33 27.00 -3.83 8.35
C PRO D 33 25.75 -3.53 7.51
N GLY D 34 25.01 -2.46 7.85
CA GLY D 34 23.73 -2.19 7.19
C GLY D 34 23.32 -0.74 7.01
N ALA D 35 22.32 -0.55 6.15
CA ALA D 35 21.82 0.77 5.67
C ALA D 35 21.53 1.81 6.76
N GLN D 36 21.40 3.06 6.32
CA GLN D 36 21.56 4.25 7.18
C GLN D 36 20.60 4.39 8.36
N LEU D 37 20.01 3.28 8.81
CA LEU D 37 19.24 3.26 10.05
C LEU D 37 20.22 3.38 11.21
N ILE D 38 21.03 4.42 11.15
CA ILE D 38 22.18 4.60 12.03
C ILE D 38 22.15 6.01 12.65
N THR D 39 21.27 6.86 12.11
CA THR D 39 20.94 8.13 12.74
C THR D 39 19.44 8.23 12.97
N TYR D 40 19.04 8.98 14.00
CA TYR D 40 17.62 9.19 14.31
C TYR D 40 16.86 9.93 13.22
N PRO D 41 17.33 11.13 12.79
CA PRO D 41 16.60 11.91 11.78
C PRO D 41 16.35 11.17 10.46
N ARG D 42 16.94 9.99 10.32
CA ARG D 42 16.73 9.15 9.14
C ARG D 42 15.79 8.00 9.48
N ALA D 43 15.81 7.59 10.74
CA ALA D 43 14.90 6.55 11.21
C ALA D 43 13.45 7.06 11.29
N LEU D 44 13.28 8.34 11.62
CA LEU D 44 11.95 8.99 11.61
C LEU D 44 11.36 8.95 10.21
N TRP D 45 12.19 9.29 9.22
CA TRP D 45 11.79 9.26 7.82
C TRP D 45 11.49 7.83 7.37
N TRP D 46 12.19 6.85 7.95
CA TRP D 46 11.97 5.44 7.59
C TRP D 46 10.65 4.96 8.13
N SER D 47 10.31 5.39 9.33
CA SER D 47 9.04 5.06 9.97
C SER D 47 7.87 5.48 9.10
N VAL D 48 7.85 6.76 8.71
CA VAL D 48 6.82 7.28 7.84
C VAL D 48 6.77 6.51 6.51
N GLU D 49 7.93 6.29 5.93
CA GLU D 49 8.06 5.50 4.69
C GLU D 49 7.40 4.12 4.83
N THR D 50 7.55 3.52 6.02
CA THR D 50 7.14 2.14 6.27
C THR D 50 5.69 2.03 6.75
N ALA D 51 5.28 2.95 7.62
CA ALA D 51 3.92 2.96 8.19
C ALA D 51 2.86 3.28 7.14
N THR D 52 3.26 4.09 6.17
CA THR D 52 2.46 4.40 5.00
C THR D 52 2.46 3.21 4.04
N THR D 53 3.46 2.35 4.22
CA THR D 53 3.78 1.24 3.31
C THR D 53 4.11 1.76 1.91
N VAL D 54 4.74 2.93 1.83
CA VAL D 54 5.26 3.46 0.56
C VAL D 54 6.52 2.70 0.18
N GLY D 55 7.42 2.54 1.16
CA GLY D 55 8.64 1.74 1.05
C GLY D 55 9.48 2.05 -0.17
N TYR D 56 10.17 3.19 -0.12
CA TYR D 56 10.98 3.68 -1.25
C TYR D 56 12.12 2.73 -1.56
N GLY D 57 12.85 2.33 -0.53
CA GLY D 57 14.03 1.46 -0.71
C GLY D 57 15.34 2.12 -0.35
N ASP D 58 15.30 3.44 -0.19
CA ASP D 58 16.45 4.20 0.25
C ASP D 58 16.90 3.87 1.69
N LEU D 59 16.03 3.21 2.45
CA LEU D 59 16.32 2.83 3.84
C LEU D 59 15.51 1.61 4.23
N TYR D 60 16.12 0.72 5.03
CA TYR D 60 15.46 -0.46 5.61
C TYR D 60 16.36 -1.19 6.62
N PRO D 61 15.78 -2.08 7.45
CA PRO D 61 16.61 -2.81 8.37
C PRO D 61 17.27 -4.05 7.76
N VAL D 62 18.43 -4.42 8.29
CA VAL D 62 19.14 -5.64 7.90
C VAL D 62 19.40 -6.55 9.10
N THR D 63 19.10 -6.05 10.31
CA THR D 63 19.18 -6.83 11.54
C THR D 63 17.85 -7.54 11.78
N LEU D 64 17.91 -8.72 12.42
CA LEU D 64 16.72 -9.47 12.80
C LEU D 64 15.83 -8.65 13.73
N TRP D 65 16.45 -8.02 14.73
CA TRP D 65 15.76 -7.14 15.66
C TRP D 65 15.19 -5.90 15.00
N GLY D 66 16.02 -5.23 14.20
CA GLY D 66 15.56 -4.08 13.43
C GLY D 66 14.41 -4.42 12.48
N ARG D 67 14.37 -5.67 12.05
CA ARG D 67 13.30 -6.16 11.17
C ARG D 67 12.01 -6.50 11.92
N CYS D 68 12.13 -6.82 13.20
CA CYS D 68 10.97 -6.94 14.08
C CYS D 68 10.31 -5.58 14.23
N VAL D 69 11.07 -4.60 14.73
CA VAL D 69 10.60 -3.22 14.82
C VAL D 69 9.81 -2.84 13.57
N ALA D 70 10.34 -3.21 12.40
CA ALA D 70 9.68 -2.94 11.12
C ALA D 70 8.22 -3.42 11.11
N VAL D 71 8.03 -4.74 11.25
CA VAL D 71 6.70 -5.34 11.31
C VAL D 71 5.75 -4.52 12.18
N VAL D 72 6.19 -4.20 13.39
CA VAL D 72 5.40 -3.38 14.31
C VAL D 72 4.97 -2.07 13.66
N VAL D 73 5.91 -1.26 13.18
CA VAL D 73 5.55 0.00 12.53
C VAL D 73 4.71 -0.19 11.25
N MET D 74 4.93 -1.31 10.55
CA MET D 74 4.12 -1.67 9.38
C MET D 74 2.64 -1.82 9.73
N VAL D 75 2.32 -2.79 10.59
CA VAL D 75 0.92 -3.05 10.96
C VAL D 75 0.27 -1.87 11.70
N ALA D 76 1.06 -1.16 12.51
CA ALA D 76 0.60 0.04 13.20
C ALA D 76 0.05 1.05 12.21
N GLY D 77 0.72 1.17 11.07
CA GLY D 77 0.26 2.04 9.99
C GLY D 77 -1.01 1.51 9.34
N ILE D 78 -0.95 0.25 8.89
CA ILE D 78 -2.08 -0.39 8.21
C ILE D 78 -3.33 -0.33 9.07
N THR D 79 -3.22 -0.85 10.29
CA THR D 79 -4.34 -0.89 11.22
C THR D 79 -4.91 0.50 11.52
N SER D 80 -4.09 1.43 11.98
CA SER D 80 -4.60 2.74 12.39
C SER D 80 -5.18 3.54 11.22
N PHE D 81 -4.63 3.33 10.02
CA PHE D 81 -5.20 3.92 8.82
C PHE D 81 -6.49 3.21 8.40
N GLY D 82 -6.65 1.97 8.86
CA GLY D 82 -7.88 1.21 8.63
C GLY D 82 -9.02 1.77 9.46
N LEU D 83 -8.73 2.07 10.72
CA LEU D 83 -9.69 2.70 11.63
C LEU D 83 -10.28 3.97 11.06
N VAL D 84 -9.45 4.79 10.42
CA VAL D 84 -9.89 6.06 9.85
C VAL D 84 -10.82 5.83 8.67
N THR D 85 -10.58 4.76 7.92
CA THR D 85 -11.52 4.33 6.88
C THR D 85 -12.83 3.84 7.50
N ALA D 86 -12.71 3.03 8.55
CA ALA D 86 -13.87 2.50 9.29
C ALA D 86 -14.71 3.62 9.90
N ALA D 87 -14.05 4.62 10.47
CA ALA D 87 -14.71 5.79 11.05
C ALA D 87 -15.58 6.50 10.01
N LEU D 88 -15.01 6.73 8.82
CA LEU D 88 -15.72 7.39 7.72
C LEU D 88 -16.83 6.51 7.12
N ALA D 89 -16.64 5.20 7.20
CA ALA D 89 -17.61 4.24 6.66
C ALA D 89 -18.90 4.23 7.47
N THR D 90 -18.79 4.46 8.78
CA THR D 90 -19.98 4.49 9.64
C THR D 90 -20.60 5.89 9.70
N TRP D 91 -19.78 6.92 9.46
CA TRP D 91 -20.28 8.29 9.32
C TRP D 91 -21.15 8.39 8.07
N PHE D 92 -20.80 7.62 7.04
CA PHE D 92 -21.58 7.56 5.81
C PHE D 92 -22.79 6.64 6.00
N VAL D 93 -22.63 5.60 6.80
CA VAL D 93 -23.72 4.70 7.18
C VAL D 93 -24.70 5.40 8.14
N GLY D 94 -24.16 6.27 8.98
CA GLY D 94 -24.96 7.09 9.91
C GLY D 94 -25.79 8.14 9.21
N ARG D 95 -26.00 7.95 7.91
CA ARG D 95 -26.98 8.72 7.14
C ARG D 95 -27.86 7.77 6.35
N GLU D 96 -28.61 6.96 7.09
CA GLU D 96 -29.61 6.04 6.55
C GLU D 96 -30.99 6.70 6.57
N GLN D 97 -31.11 7.79 7.34
CA GLN D 97 -32.34 8.54 7.49
C GLN D 97 -32.82 9.18 6.19
#